data_3QAU
#
_entry.id   3QAU
#
_cell.length_a   73.355
_cell.length_b   90.641
_cell.length_c   162.914
_cell.angle_alpha   90.00
_cell.angle_beta   90.00
_cell.angle_gamma   90.00
#
_symmetry.space_group_name_H-M   'C 2 2 21'
#
loop_
_entity.id
_entity.type
_entity.pdbx_description
1 polymer '3-hydroxy-3-methylglutaryl-coenzyme a reductase'
2 non-polymer GLYCEROL
3 non-polymer 'SULFATE ION'
4 non-polymer 'SODIUM ION'
5 water water
#
_entity_poly.entity_id   1
_entity_poly.type   'polypeptide(L)'
_entity_poly.pdbx_seq_one_letter_code
;MGSSHHHHHHSSGLVPRGSHMASMTGGQQMGRGSMKISWNGFSKKSYQERLELLKAQALLSPERQASLEKDEQMSVTVAD
QLSENVVGTFSLPYSLVPEVLVNGQEYTVPYVTEEPSVVAAASYASKIIKRAGGFTTQVHQRQMIGQVALYQVANPKLAQ
EKIASKKAELLELANQAYPSIVKRGGGARDLHVEQIKGEPDFLVVYIHVDTQEAMGANMLNTMLEALKPVLEELSQGQSL
MGILSNYATDSLVTASCRIAFRYLSRQKDQGREIAEKIALASQFAQADPYRAATHNKGIFNGIDAILIATGNDWRAIEAG
AHAFASRDGRYQGLSCWTLDLEREELVGEMTLPMPVATKGSSIGLNPRVALSHDLLGNPSARELAQIIVSIGLAQNFAAL
KALVSTGIQQGHMKLQAKSLALLAGASESEVAPLVERLISDKTFNLETAQRYLENLRS
;
_entity_poly.pdbx_strand_id   A
#
loop_
_chem_comp.id
_chem_comp.type
_chem_comp.name
_chem_comp.formula
GOL non-polymer GLYCEROL 'C3 H8 O3'
NA non-polymer 'SODIUM ION' 'Na 1'
SO4 non-polymer 'SULFATE ION' 'O4 S -2'
#
# COMPACT_ATOMS: atom_id res chain seq x y z
N ILE A 37 15.75 2.65 -23.79
CA ILE A 37 15.22 4.03 -24.04
C ILE A 37 14.77 4.71 -22.75
N SER A 38 15.08 6.01 -22.65
CA SER A 38 14.86 6.79 -21.44
C SER A 38 13.41 7.24 -21.26
N TRP A 39 13.03 7.44 -20.00
CA TRP A 39 11.72 7.98 -19.63
C TRP A 39 11.80 9.50 -19.37
N ASN A 40 13.01 10.05 -19.45
CA ASN A 40 13.21 11.49 -19.25
CA ASN A 40 13.23 11.49 -19.28
C ASN A 40 12.22 12.33 -20.05
N GLY A 41 11.57 13.26 -19.37
CA GLY A 41 10.60 14.16 -19.99
C GLY A 41 9.18 13.64 -20.09
N PHE A 42 8.93 12.48 -19.48
CA PHE A 42 7.64 11.80 -19.58
C PHE A 42 6.46 12.61 -19.01
N SER A 43 6.71 13.29 -17.89
CA SER A 43 5.69 14.12 -17.23
C SER A 43 5.32 15.37 -18.05
N LYS A 44 6.33 16.02 -18.62
CA LYS A 44 6.13 17.27 -19.38
C LYS A 44 5.66 17.03 -20.81
N LYS A 45 5.79 15.80 -21.29
CA LYS A 45 5.28 15.41 -22.61
C LYS A 45 3.75 15.48 -22.62
N SER A 46 3.19 15.74 -23.79
CA SER A 46 1.75 15.70 -23.96
C SER A 46 1.22 14.26 -23.90
N TYR A 47 -0.08 14.12 -23.65
CA TYR A 47 -0.78 12.84 -23.68
C TYR A 47 -0.37 11.95 -24.87
N GLN A 48 -0.43 12.51 -26.09
CA GLN A 48 -0.11 11.78 -27.30
CA GLN A 48 -0.11 11.74 -27.29
C GLN A 48 1.36 11.32 -27.33
N GLU A 49 2.24 12.20 -26.86
CA GLU A 49 3.68 11.93 -26.80
C GLU A 49 4.04 10.83 -25.79
N ARG A 50 3.31 10.81 -24.67
CA ARG A 50 3.48 9.77 -23.64
C ARG A 50 3.14 8.41 -24.22
N LEU A 51 2.06 8.35 -25.01
CA LEU A 51 1.66 7.13 -25.67
C LEU A 51 2.70 6.67 -26.69
N GLU A 52 3.30 7.62 -27.41
CA GLU A 52 4.38 7.31 -28.34
C GLU A 52 5.63 6.77 -27.64
N LEU A 53 5.96 7.36 -26.48
CA LEU A 53 7.10 6.89 -25.70
C LEU A 53 6.85 5.49 -25.16
N LEU A 54 5.65 5.27 -24.62
CA LEU A 54 5.25 3.95 -24.13
C LEU A 54 5.35 2.89 -25.23
N LYS A 55 4.89 3.26 -26.43
CA LYS A 55 4.94 2.38 -27.60
C LYS A 55 6.39 2.04 -27.96
N ALA A 56 7.29 3.02 -27.85
CA ALA A 56 8.71 2.82 -28.11
C ALA A 56 9.34 1.86 -27.10
N GLN A 57 8.83 1.89 -25.86
CA GLN A 57 9.28 0.98 -24.82
C GLN A 57 8.90 -0.48 -25.11
N ALA A 58 7.96 -0.67 -26.03
CA ALA A 58 7.51 -2.01 -26.46
C ALA A 58 7.04 -2.91 -25.31
N LEU A 59 6.26 -2.34 -24.41
CA LEU A 59 5.76 -3.08 -23.25
C LEU A 59 4.43 -3.76 -23.51
N LEU A 60 3.65 -3.21 -24.44
CA LEU A 60 2.33 -3.76 -24.74
C LEU A 60 2.28 -4.44 -26.10
N SER A 61 1.49 -5.51 -26.19
CA SER A 61 1.17 -6.15 -27.46
C SER A 61 0.46 -5.16 -28.40
N PRO A 62 0.44 -5.44 -29.72
CA PRO A 62 -0.32 -4.56 -30.63
C PRO A 62 -1.78 -4.32 -30.19
N GLU A 63 -2.47 -5.38 -29.76
CA GLU A 63 -3.86 -5.26 -29.27
C GLU A 63 -3.98 -4.35 -28.05
N ARG A 64 -3.15 -4.58 -27.02
CA ARG A 64 -3.20 -3.78 -25.79
C ARG A 64 -2.84 -2.32 -26.03
N GLN A 65 -1.85 -2.08 -26.91
CA GLN A 65 -1.48 -0.72 -27.28
C GLN A 65 -2.62 0.03 -27.96
N ALA A 66 -3.30 -0.65 -28.90
CA ALA A 66 -4.44 -0.07 -29.59
C ALA A 66 -5.62 0.17 -28.65
N SER A 67 -5.85 -0.77 -27.73
CA SER A 67 -6.87 -0.63 -26.70
C SER A 67 -6.64 0.64 -25.87
N LEU A 68 -5.38 0.89 -25.51
CA LEU A 68 -5.00 2.07 -24.74
C LEU A 68 -5.12 3.35 -25.55
N GLU A 69 -4.73 3.29 -26.82
CA GLU A 69 -4.77 4.45 -27.71
C GLU A 69 -6.19 4.93 -28.03
N LYS A 70 -7.17 4.03 -28.03
CA LYS A 70 -8.56 4.45 -28.15
C LYS A 70 -9.24 4.59 -26.77
N ASP A 71 -8.40 4.59 -25.73
CA ASP A 71 -8.82 4.71 -24.34
C ASP A 71 -10.06 3.86 -24.03
N GLU A 72 -9.97 2.59 -24.39
CA GLU A 72 -11.07 1.65 -24.23
C GLU A 72 -11.43 1.46 -22.75
N GLN A 73 -12.72 1.60 -22.46
CA GLN A 73 -13.21 1.57 -21.10
C GLN A 73 -14.05 0.31 -20.87
N MET A 74 -14.22 -0.05 -19.60
CA MET A 74 -15.25 -1.00 -19.22
C MET A 74 -16.60 -0.42 -19.68
N SER A 75 -17.34 -1.22 -20.44
CA SER A 75 -18.63 -0.79 -20.98
C SER A 75 -19.74 -0.86 -19.93
N VAL A 76 -20.85 -0.18 -20.21
CA VAL A 76 -22.05 -0.26 -19.39
C VAL A 76 -22.53 -1.70 -19.24
N THR A 77 -22.50 -2.45 -20.34
CA THR A 77 -22.91 -3.86 -20.35
C THR A 77 -22.08 -4.68 -19.36
N VAL A 78 -20.77 -4.46 -19.37
CA VAL A 78 -19.87 -5.15 -18.44
C VAL A 78 -20.11 -4.67 -16.99
N ALA A 79 -20.20 -3.35 -16.81
CA ALA A 79 -20.53 -2.75 -15.50
C ALA A 79 -21.80 -3.37 -14.92
N ASP A 80 -22.80 -3.53 -15.77
CA ASP A 80 -24.11 -4.09 -15.43
C ASP A 80 -24.02 -5.55 -14.98
N GLN A 81 -23.05 -6.29 -15.53
CA GLN A 81 -22.76 -7.65 -15.08
C GLN A 81 -22.00 -7.67 -13.75
N LEU A 82 -21.12 -6.69 -13.54
CA LEU A 82 -20.31 -6.61 -12.31
C LEU A 82 -21.10 -6.20 -11.08
N SER A 83 -21.94 -5.18 -11.24
CA SER A 83 -22.61 -4.56 -10.10
C SER A 83 -24.14 -4.62 -10.24
N GLU A 84 -24.85 -3.98 -9.31
CA GLU A 84 -26.32 -3.93 -9.35
C GLU A 84 -26.80 -2.49 -9.44
N ASN A 85 -28.05 -2.31 -9.87
CA ASN A 85 -28.66 -0.97 -10.04
C ASN A 85 -27.78 -0.05 -10.87
N VAL A 86 -27.14 -0.60 -11.91
CA VAL A 86 -26.19 0.15 -12.71
C VAL A 86 -26.92 1.09 -13.67
N VAL A 87 -26.49 2.34 -13.68
CA VAL A 87 -27.10 3.38 -14.50
C VAL A 87 -26.06 4.08 -15.38
N GLY A 88 -24.82 3.57 -15.31
CA GLY A 88 -23.71 4.09 -16.11
C GLY A 88 -22.35 3.65 -15.58
N THR A 89 -21.31 4.38 -15.95
CA THR A 89 -19.96 4.10 -15.50
C THR A 89 -19.33 5.37 -14.96
N PHE A 90 -18.21 5.21 -14.25
CA PHE A 90 -17.52 6.31 -13.61
C PHE A 90 -16.02 6.21 -13.93
N SER A 91 -15.42 7.31 -14.37
CA SER A 91 -14.01 7.29 -14.81
C SER A 91 -13.06 8.06 -13.92
N LEU A 92 -11.84 7.55 -13.85
CA LEU A 92 -10.75 8.15 -13.09
C LEU A 92 -9.52 8.18 -14.00
N PRO A 93 -8.53 9.01 -13.68
CA PRO A 93 -7.30 9.01 -14.50
C PRO A 93 -6.55 7.68 -14.42
N TYR A 94 -5.75 7.40 -15.44
CA TYR A 94 -4.92 6.19 -15.50
C TYR A 94 -3.52 6.61 -15.90
N SER A 95 -2.55 6.36 -15.03
CA SER A 95 -1.19 6.87 -15.20
C SER A 95 -0.13 5.77 -15.09
N LEU A 96 1.10 6.14 -15.43
CA LEU A 96 2.23 5.22 -15.33
C LEU A 96 3.30 5.74 -14.37
N VAL A 97 3.82 4.83 -13.55
CA VAL A 97 4.95 5.11 -12.68
C VAL A 97 6.10 4.25 -13.20
N PRO A 98 7.03 4.86 -13.97
CA PRO A 98 8.12 4.10 -14.57
C PRO A 98 9.24 3.78 -13.58
N GLU A 99 10.05 2.78 -13.94
CA GLU A 99 11.34 2.50 -13.30
C GLU A 99 11.22 2.03 -11.85
N VAL A 100 10.25 1.15 -11.61
CA VAL A 100 10.06 0.52 -10.31
C VAL A 100 10.89 -0.76 -10.27
N LEU A 101 12.00 -0.72 -9.53
CA LEU A 101 12.96 -1.82 -9.48
C LEU A 101 12.75 -2.68 -8.23
N VAL A 102 12.34 -3.93 -8.46
CA VAL A 102 12.00 -4.86 -7.40
C VAL A 102 12.76 -6.19 -7.57
N ASN A 103 13.64 -6.49 -6.63
CA ASN A 103 14.53 -7.68 -6.72
C ASN A 103 15.28 -7.79 -8.07
N GLY A 104 15.80 -6.67 -8.55
CA GLY A 104 16.53 -6.64 -9.82
C GLY A 104 15.68 -6.63 -11.09
N GLN A 105 14.36 -6.67 -10.94
CA GLN A 105 13.45 -6.63 -12.08
C GLN A 105 12.73 -5.28 -12.14
N GLU A 106 12.81 -4.62 -13.29
CA GLU A 106 12.20 -3.30 -13.48
C GLU A 106 10.78 -3.40 -14.00
N TYR A 107 9.88 -2.65 -13.37
CA TYR A 107 8.47 -2.59 -13.76
C TYR A 107 8.03 -1.18 -14.11
N THR A 108 7.10 -1.08 -15.05
CA THR A 108 6.34 0.14 -15.27
C THR A 108 4.97 -0.08 -14.63
N VAL A 109 4.70 0.67 -13.57
CA VAL A 109 3.54 0.44 -12.72
C VAL A 109 2.35 1.33 -13.11
N PRO A 110 1.16 0.72 -13.24
CA PRO A 110 -0.05 1.50 -13.54
C PRO A 110 -0.72 2.03 -12.25
N TYR A 111 -1.17 3.30 -12.30
CA TYR A 111 -1.83 3.98 -11.18
C TYR A 111 -3.20 4.49 -11.59
N VAL A 112 -4.17 4.34 -10.70
CA VAL A 112 -5.46 5.03 -10.83
C VAL A 112 -5.68 5.92 -9.61
N THR A 113 -5.45 7.22 -9.78
CA THR A 113 -5.64 8.18 -8.70
C THR A 113 -6.13 9.53 -9.21
N GLU A 114 -7.01 10.15 -8.43
CA GLU A 114 -7.56 11.46 -8.75
C GLU A 114 -6.88 12.57 -7.95
N GLU A 115 -5.87 12.20 -7.15
CA GLU A 115 -5.17 13.18 -6.31
C GLU A 115 -3.92 13.76 -6.98
N PRO A 116 -3.89 15.10 -7.17
CA PRO A 116 -2.72 15.75 -7.76
C PRO A 116 -1.42 15.44 -7.00
N SER A 117 -0.35 15.22 -7.76
CA SER A 117 1.02 14.99 -7.26
C SER A 117 1.35 13.58 -6.76
N VAL A 118 0.34 12.72 -6.57
CA VAL A 118 0.57 11.34 -6.12
C VAL A 118 1.42 10.53 -7.13
N VAL A 119 1.07 10.58 -8.41
CA VAL A 119 1.86 9.91 -9.45
C VAL A 119 3.26 10.50 -9.60
N ALA A 120 3.34 11.84 -9.65
CA ALA A 120 4.62 12.53 -9.74
C ALA A 120 5.54 12.17 -8.58
N ALA A 121 4.98 12.07 -7.38
CA ALA A 121 5.75 11.74 -6.18
C ALA A 121 6.23 10.30 -6.19
N ALA A 122 5.37 9.38 -6.62
CA ALA A 122 5.74 7.97 -6.75
C ALA A 122 6.85 7.77 -7.79
N SER A 123 6.76 8.50 -8.90
CA SER A 123 7.73 8.42 -9.99
C SER A 123 9.09 8.94 -9.56
N TYR A 124 9.08 10.08 -8.86
CA TYR A 124 10.28 10.65 -8.27
C TYR A 124 10.94 9.70 -7.27
N ALA A 125 10.14 9.19 -6.33
CA ALA A 125 10.65 8.24 -5.33
C ALA A 125 11.24 7.01 -6.00
N SER A 126 10.58 6.53 -7.05
CA SER A 126 11.01 5.35 -7.80
C SER A 126 12.36 5.51 -8.49
N LYS A 127 12.60 6.68 -9.10
CA LYS A 127 13.89 7.01 -9.73
C LYS A 127 15.04 6.98 -8.74
N ILE A 128 14.86 7.68 -7.61
CA ILE A 128 15.85 7.72 -6.54
C ILE A 128 16.20 6.33 -6.06
N ILE A 129 15.18 5.53 -5.76
CA ILE A 129 15.37 4.19 -5.20
C ILE A 129 15.98 3.22 -6.22
N LYS A 130 15.63 3.37 -7.51
CA LYS A 130 16.26 2.60 -8.60
C LYS A 130 17.76 2.88 -8.66
N ARG A 131 18.12 4.16 -8.56
CA ARG A 131 19.52 4.56 -8.57
C ARG A 131 20.25 3.91 -7.39
N ALA A 132 19.54 3.77 -6.28
CA ALA A 132 20.06 3.15 -5.05
C ALA A 132 19.98 1.62 -5.07
N GLY A 133 19.68 1.04 -6.23
CA GLY A 133 19.64 -0.43 -6.38
C GLY A 133 18.26 -1.06 -6.29
N GLY A 134 17.24 -0.23 -6.07
CA GLY A 134 15.86 -0.69 -6.04
C GLY A 134 15.45 -1.31 -4.72
N PHE A 135 14.30 -1.99 -4.73
CA PHE A 135 13.76 -2.64 -3.54
C PHE A 135 14.20 -4.08 -3.44
N THR A 136 14.35 -4.56 -2.21
CA THR A 136 14.52 -5.99 -1.95
C THR A 136 13.28 -6.46 -1.19
N THR A 137 12.67 -7.54 -1.65
CA THR A 137 11.39 -7.97 -1.10
C THR A 137 11.30 -9.45 -0.82
N GLN A 138 10.44 -9.81 0.13
CA GLN A 138 10.17 -11.20 0.43
C GLN A 138 8.71 -11.43 0.80
N VAL A 139 8.18 -12.55 0.35
CA VAL A 139 6.88 -13.05 0.75
C VAL A 139 7.13 -14.03 1.90
N HIS A 140 6.62 -13.71 3.09
CA HIS A 140 6.79 -14.58 4.25
C HIS A 140 5.94 -15.83 4.14
N GLN A 141 4.73 -15.64 3.64
CA GLN A 141 3.72 -16.68 3.61
C GLN A 141 2.64 -16.15 2.66
N ARG A 142 1.92 -17.05 2.00
CA ARG A 142 0.72 -16.66 1.24
C ARG A 142 -0.42 -17.66 1.42
N GLN A 143 -1.20 -17.44 2.47
CA GLN A 143 -2.41 -18.22 2.74
C GLN A 143 -3.51 -17.29 3.22
N MET A 144 -4.75 -17.71 3.00
CA MET A 144 -5.91 -16.98 3.51
C MET A 144 -6.45 -17.61 4.80
N ILE A 145 -6.95 -16.77 5.70
CA ILE A 145 -7.52 -17.22 6.97
C ILE A 145 -9.02 -17.01 6.94
N GLY A 146 -9.76 -18.06 7.30
CA GLY A 146 -11.21 -17.99 7.47
C GLY A 146 -11.53 -18.41 8.90
N GLN A 147 -12.68 -18.01 9.39
CA GLN A 147 -13.03 -18.30 10.78
C GLN A 147 -14.49 -18.72 10.97
N VAL A 148 -14.71 -19.61 11.94
CA VAL A 148 -16.04 -19.95 12.42
C VAL A 148 -16.09 -19.58 13.90
N ALA A 149 -17.08 -18.77 14.26
CA ALA A 149 -17.28 -18.37 15.63
C ALA A 149 -18.36 -19.23 16.27
N LEU A 150 -18.01 -19.87 17.38
CA LEU A 150 -18.94 -20.72 18.12
C LEU A 150 -19.29 -20.10 19.46
N TYR A 151 -20.58 -20.20 19.82
CA TYR A 151 -21.03 -19.74 21.14
C TYR A 151 -21.93 -20.79 21.79
N GLN A 152 -22.28 -20.55 23.06
CA GLN A 152 -23.00 -21.52 23.91
C GLN A 152 -22.26 -22.85 23.99
N VAL A 153 -20.95 -22.76 24.15
CA VAL A 153 -20.09 -23.90 24.38
C VAL A 153 -19.88 -24.02 25.89
N ALA A 154 -20.51 -25.04 26.49
CA ALA A 154 -20.44 -25.26 27.93
C ALA A 154 -19.01 -25.53 28.40
N ASN A 155 -18.28 -26.34 27.64
CA ASN A 155 -16.91 -26.72 28.00
C ASN A 155 -15.91 -26.40 26.89
N PRO A 156 -15.46 -25.12 26.81
CA PRO A 156 -14.61 -24.65 25.72
C PRO A 156 -13.28 -25.40 25.57
N LYS A 157 -12.65 -25.78 26.68
CA LYS A 157 -11.36 -26.48 26.63
C LYS A 157 -11.50 -27.91 26.13
N LEU A 158 -12.58 -28.59 26.49
CA LEU A 158 -12.85 -29.93 26.00
C LEU A 158 -13.23 -29.88 24.52
N ALA A 159 -13.97 -28.84 24.15
CA ALA A 159 -14.33 -28.59 22.76
C ALA A 159 -13.09 -28.30 21.93
N GLN A 160 -12.19 -27.50 22.49
CA GLN A 160 -10.92 -27.16 21.85
C GLN A 160 -10.09 -28.40 21.53
N GLU A 161 -9.91 -29.27 22.53
CA GLU A 161 -9.17 -30.53 22.36
C GLU A 161 -9.81 -31.49 21.35
N LYS A 162 -11.13 -31.68 21.45
CA LYS A 162 -11.87 -32.53 20.54
C LYS A 162 -11.69 -32.10 19.07
N ILE A 163 -11.91 -30.81 18.79
CA ILE A 163 -11.75 -30.27 17.44
C ILE A 163 -10.31 -30.42 16.95
N ALA A 164 -9.35 -30.09 17.81
CA ALA A 164 -7.93 -30.20 17.47
C ALA A 164 -7.50 -31.64 17.20
N SER A 165 -8.12 -32.60 17.88
CA SER A 165 -7.83 -34.02 17.65
C SER A 165 -8.40 -34.52 16.31
N LYS A 166 -9.39 -33.80 15.79
CA LYS A 166 -10.04 -34.14 14.51
C LYS A 166 -9.50 -33.30 13.35
N LYS A 167 -8.40 -32.59 13.62
CA LYS A 167 -7.77 -31.67 12.69
C LYS A 167 -7.65 -32.21 11.25
N ALA A 168 -7.05 -33.39 11.11
CA ALA A 168 -6.82 -33.99 9.80
C ALA A 168 -8.12 -34.28 9.03
N GLU A 169 -9.12 -34.80 9.73
CA GLU A 169 -10.42 -35.10 9.12
C GLU A 169 -11.17 -33.83 8.71
N LEU A 170 -11.02 -32.79 9.51
CA LEU A 170 -11.64 -31.49 9.22
C LEU A 170 -11.01 -30.83 7.98
N LEU A 171 -9.68 -30.91 7.88
CA LEU A 171 -8.98 -30.38 6.71
C LEU A 171 -9.35 -31.15 5.43
N GLU A 172 -9.48 -32.47 5.56
CA GLU A 172 -9.90 -33.32 4.45
C GLU A 172 -11.30 -32.96 3.97
N LEU A 173 -12.21 -32.72 4.91
CA LEU A 173 -13.58 -32.34 4.62
C LEU A 173 -13.65 -30.99 3.91
N ALA A 174 -12.86 -30.03 4.39
CA ALA A 174 -12.75 -28.72 3.76
C ALA A 174 -12.23 -28.82 2.32
N ASN A 175 -11.26 -29.70 2.11
CA ASN A 175 -10.67 -29.90 0.79
C ASN A 175 -11.57 -30.63 -0.22
N GLN A 176 -12.38 -31.57 0.26
CA GLN A 176 -13.38 -32.23 -0.59
C GLN A 176 -14.50 -31.25 -0.99
N ALA A 177 -14.71 -30.23 -0.15
CA ALA A 177 -15.74 -29.22 -0.38
C ALA A 177 -15.42 -28.26 -1.52
N TYR A 178 -14.14 -28.15 -1.87
CA TYR A 178 -13.70 -27.28 -2.95
C TYR A 178 -12.53 -27.92 -3.72
N PRO A 179 -12.82 -29.00 -4.48
CA PRO A 179 -11.76 -29.85 -5.08
C PRO A 179 -10.92 -29.20 -6.16
N SER A 180 -11.44 -28.15 -6.82
CA SER A 180 -10.71 -27.50 -7.91
C SER A 180 -9.38 -26.88 -7.46
N ILE A 181 -9.36 -26.30 -6.26
CA ILE A 181 -8.12 -25.69 -5.73
C ILE A 181 -7.08 -26.74 -5.34
N VAL A 182 -7.54 -27.90 -4.88
CA VAL A 182 -6.63 -29.02 -4.57
C VAL A 182 -5.95 -29.51 -5.84
N LYS A 183 -6.72 -29.56 -6.94
CA LYS A 183 -6.19 -29.95 -8.25
C LYS A 183 -5.13 -28.98 -8.76
N ARG A 184 -5.33 -27.68 -8.50
CA ARG A 184 -4.38 -26.64 -8.87
C ARG A 184 -3.14 -26.61 -7.95
N GLY A 185 -3.20 -27.34 -6.83
CA GLY A 185 -2.09 -27.42 -5.88
C GLY A 185 -2.26 -26.66 -4.57
N GLY A 186 -3.45 -26.13 -4.34
CA GLY A 186 -3.76 -25.40 -3.11
C GLY A 186 -4.63 -26.23 -2.16
N GLY A 187 -5.38 -25.54 -1.30
CA GLY A 187 -6.28 -26.18 -0.35
C GLY A 187 -6.04 -25.81 1.10
N ALA A 188 -6.89 -26.32 1.98
CA ALA A 188 -6.77 -26.10 3.41
C ALA A 188 -5.52 -26.79 3.96
N ARG A 189 -4.70 -26.03 4.68
CA ARG A 189 -3.37 -26.50 5.10
C ARG A 189 -3.24 -26.65 6.61
N ASP A 190 -4.06 -25.92 7.37
CA ASP A 190 -3.98 -25.94 8.83
C ASP A 190 -5.27 -25.41 9.46
N LEU A 191 -5.49 -25.82 10.71
CA LEU A 191 -6.66 -25.44 11.48
C LEU A 191 -6.28 -25.36 12.96
N HIS A 192 -6.69 -24.28 13.62
CA HIS A 192 -6.51 -24.15 15.06
C HIS A 192 -7.71 -23.49 15.73
N VAL A 193 -7.88 -23.78 17.02
CA VAL A 193 -9.05 -23.33 17.77
C VAL A 193 -8.62 -22.50 18.97
N GLU A 194 -9.25 -21.33 19.12
CA GLU A 194 -8.89 -20.41 20.21
C GLU A 194 -10.09 -20.00 21.03
N GLN A 195 -9.86 -19.79 22.32
CA GLN A 195 -10.86 -19.22 23.21
C GLN A 195 -10.70 -17.71 23.17
N ILE A 196 -11.73 -17.02 22.70
CA ILE A 196 -11.70 -15.55 22.67
C ILE A 196 -12.65 -15.03 23.73
N LYS A 197 -12.10 -14.28 24.69
CA LYS A 197 -12.90 -13.82 25.81
C LYS A 197 -13.59 -12.49 25.54
N GLY A 198 -14.75 -12.31 26.16
CA GLY A 198 -15.56 -11.10 25.99
C GLY A 198 -16.93 -11.26 26.61
N GLU A 199 -17.92 -10.62 25.99
CA GLU A 199 -19.30 -10.71 26.45
C GLU A 199 -20.21 -11.06 25.27
N PRO A 200 -20.43 -12.37 25.03
CA PRO A 200 -19.91 -13.49 25.83
C PRO A 200 -18.57 -13.99 25.30
N ASP A 201 -18.13 -15.16 25.77
CA ASP A 201 -16.95 -15.82 25.23
C ASP A 201 -17.28 -16.54 23.93
N PHE A 202 -16.33 -16.55 23.02
CA PHE A 202 -16.47 -17.27 21.77
C PHE A 202 -15.37 -18.32 21.66
N LEU A 203 -15.71 -19.45 21.05
CA LEU A 203 -14.72 -20.43 20.65
C LEU A 203 -14.56 -20.26 19.14
N VAL A 204 -13.35 -19.93 18.71
CA VAL A 204 -13.15 -19.57 17.31
C VAL A 204 -12.24 -20.57 16.62
N VAL A 205 -12.72 -21.09 15.49
CA VAL A 205 -11.95 -22.02 14.67
C VAL A 205 -11.41 -21.25 13.46
N TYR A 206 -10.09 -21.27 13.29
CA TYR A 206 -9.43 -20.61 12.16
C TYR A 206 -8.89 -21.64 11.18
N ILE A 207 -9.22 -21.48 9.90
CA ILE A 207 -8.63 -22.31 8.87
C ILE A 207 -7.64 -21.51 8.03
N HIS A 208 -6.55 -22.16 7.65
CA HIS A 208 -5.49 -21.53 6.86
C HIS A 208 -5.43 -22.21 5.51
N VAL A 209 -5.61 -21.44 4.45
CA VAL A 209 -5.89 -22.00 3.13
C VAL A 209 -5.03 -21.39 2.03
N ASP A 210 -4.40 -22.25 1.24
CA ASP A 210 -3.68 -21.85 0.04
C ASP A 210 -4.68 -21.70 -1.10
N THR A 211 -4.93 -20.45 -1.49
CA THR A 211 -5.93 -20.14 -2.51
C THR A 211 -5.29 -19.84 -3.86
N GLN A 212 -3.98 -20.08 -3.93
CA GLN A 212 -3.18 -19.86 -5.15
C GLN A 212 -3.29 -18.41 -5.65
N GLU A 213 -3.81 -18.22 -6.86
CA GLU A 213 -3.86 -16.90 -7.49
C GLU A 213 -5.12 -16.11 -7.15
N ALA A 214 -6.07 -16.74 -6.46
CA ALA A 214 -7.33 -16.10 -6.10
C ALA A 214 -7.27 -15.46 -4.72
N MET A 215 -8.11 -14.44 -4.50
CA MET A 215 -8.31 -13.91 -3.14
C MET A 215 -8.94 -14.96 -2.21
N GLY A 216 -9.89 -15.73 -2.73
CA GLY A 216 -10.36 -16.93 -2.06
C GLY A 216 -11.57 -16.80 -1.15
N ALA A 217 -12.29 -15.68 -1.27
CA ALA A 217 -13.50 -15.43 -0.48
C ALA A 217 -14.54 -16.54 -0.65
N ASN A 218 -14.90 -16.84 -1.90
CA ASN A 218 -15.88 -17.88 -2.20
CA ASN A 218 -15.88 -17.88 -2.20
C ASN A 218 -15.41 -19.26 -1.75
N MET A 219 -14.13 -19.56 -2.02
CA MET A 219 -13.48 -20.79 -1.64
C MET A 219 -13.56 -21.01 -0.12
N LEU A 220 -13.12 -20.00 0.64
CA LEU A 220 -13.12 -20.07 2.11
C LEU A 220 -14.52 -20.16 2.71
N ASN A 221 -15.46 -19.35 2.20
CA ASN A 221 -16.84 -19.41 2.66
CA ASN A 221 -16.86 -19.41 2.62
C ASN A 221 -17.45 -20.81 2.42
N THR A 222 -17.15 -21.41 1.27
CA THR A 222 -17.63 -22.74 0.92
C THR A 222 -17.07 -23.83 1.85
N MET A 223 -15.76 -23.77 2.12
CA MET A 223 -15.14 -24.74 3.02
CA MET A 223 -15.10 -24.71 3.04
C MET A 223 -15.70 -24.61 4.44
N LEU A 224 -15.91 -23.37 4.90
CA LEU A 224 -16.44 -23.11 6.22
C LEU A 224 -17.90 -23.57 6.40
N GLU A 225 -18.73 -23.42 5.36
CA GLU A 225 -20.10 -23.94 5.37
C GLU A 225 -20.12 -25.45 5.61
N ALA A 226 -19.20 -26.16 4.94
CA ALA A 226 -19.04 -27.60 5.09
C ALA A 226 -18.61 -28.01 6.50
N LEU A 227 -17.73 -27.22 7.12
CA LEU A 227 -17.24 -27.54 8.45
C LEU A 227 -18.23 -27.21 9.56
N LYS A 228 -19.06 -26.19 9.32
CA LYS A 228 -20.01 -25.69 10.34
C LYS A 228 -20.70 -26.76 11.18
N PRO A 229 -21.46 -27.69 10.54
CA PRO A 229 -22.22 -28.66 11.33
C PRO A 229 -21.35 -29.59 12.18
N VAL A 230 -20.20 -30.00 11.63
CA VAL A 230 -19.24 -30.84 12.34
C VAL A 230 -18.65 -30.11 13.55
N LEU A 231 -18.29 -28.84 13.37
CA LEU A 231 -17.74 -28.03 14.46
C LEU A 231 -18.76 -27.79 15.58
N GLU A 232 -20.02 -27.58 15.20
CA GLU A 232 -21.12 -27.46 16.17
C GLU A 232 -21.27 -28.72 17.01
N GLU A 233 -21.21 -29.88 16.33
CA GLU A 233 -21.37 -31.19 16.99
CA GLU A 233 -21.38 -31.16 17.02
C GLU A 233 -20.20 -31.51 17.92
N LEU A 234 -18.98 -31.22 17.45
CA LEU A 234 -17.77 -31.48 18.25
C LEU A 234 -17.69 -30.59 19.49
N SER A 235 -18.18 -29.35 19.37
CA SER A 235 -18.11 -28.37 20.46
C SER A 235 -19.37 -28.36 21.32
N GLN A 236 -20.41 -29.04 20.85
CA GLN A 236 -21.75 -28.98 21.44
C GLN A 236 -22.19 -27.51 21.58
N GLY A 237 -21.93 -26.75 20.53
CA GLY A 237 -22.23 -25.33 20.51
C GLY A 237 -23.01 -24.90 19.29
N GLN A 238 -23.16 -23.60 19.14
CA GLN A 238 -23.86 -23.02 18.00
C GLN A 238 -22.90 -22.17 17.16
N SER A 239 -23.01 -22.31 15.85
CA SER A 239 -22.22 -21.53 14.91
C SER A 239 -22.90 -20.18 14.71
N LEU A 240 -22.13 -19.11 14.87
CA LEU A 240 -22.63 -17.75 14.63
C LEU A 240 -22.44 -17.34 13.18
N MET A 241 -21.30 -17.72 12.61
CA MET A 241 -20.89 -17.31 11.28
C MET A 241 -19.69 -18.13 10.83
N GLY A 242 -19.51 -18.21 9.51
CA GLY A 242 -18.32 -18.80 8.92
C GLY A 242 -17.93 -17.87 7.78
N ILE A 243 -16.78 -17.21 7.92
CA ILE A 243 -16.40 -16.14 6.99
C ILE A 243 -14.89 -15.95 6.93
N LEU A 244 -14.41 -15.59 5.74
CA LEU A 244 -13.03 -15.13 5.54
C LEU A 244 -12.69 -13.98 6.49
N SER A 245 -11.41 -13.87 6.85
CA SER A 245 -10.94 -12.72 7.59
C SER A 245 -10.04 -11.85 6.72
N ASN A 246 -10.30 -10.54 6.72
CA ASN A 246 -9.45 -9.57 6.03
C ASN A 246 -8.21 -9.15 6.82
N TYR A 247 -8.02 -9.72 7.99
CA TYR A 247 -6.79 -9.52 8.73
C TYR A 247 -5.80 -10.59 8.28
N ALA A 248 -5.18 -10.34 7.13
CA ALA A 248 -4.46 -11.38 6.39
C ALA A 248 -3.01 -11.60 6.83
N THR A 249 -2.85 -12.05 8.07
CA THR A 249 -1.53 -12.24 8.68
C THR A 249 -0.75 -13.47 8.17
N ASP A 250 -1.41 -14.35 7.40
CA ASP A 250 -0.72 -15.42 6.66
C ASP A 250 -0.32 -14.94 5.26
N SER A 251 -0.39 -13.64 5.03
CA SER A 251 -0.02 -13.04 3.75
C SER A 251 0.94 -11.84 3.87
N LEU A 252 1.80 -11.86 4.88
CA LEU A 252 2.73 -10.75 5.09
C LEU A 252 3.80 -10.69 4.02
N VAL A 253 4.12 -9.48 3.59
CA VAL A 253 5.13 -9.22 2.58
C VAL A 253 5.90 -8.00 3.05
N THR A 254 7.23 -8.11 3.02
CA THR A 254 8.11 -7.00 3.40
C THR A 254 8.91 -6.45 2.20
N ALA A 255 8.95 -5.13 2.09
CA ALA A 255 9.86 -4.47 1.16
C ALA A 255 10.85 -3.64 1.95
N SER A 256 12.06 -3.51 1.41
CA SER A 256 13.05 -2.61 1.98
C SER A 256 13.82 -1.90 0.88
N CYS A 257 14.40 -0.76 1.21
CA CYS A 257 15.30 -0.07 0.30
C CYS A 257 16.46 0.52 1.11
N ARG A 258 17.53 0.87 0.42
CA ARG A 258 18.77 1.29 1.04
C ARG A 258 19.39 2.41 0.20
N ILE A 259 19.28 3.64 0.70
CA ILE A 259 19.57 4.82 -0.10
C ILE A 259 20.76 5.61 0.44
N ALA A 260 21.85 5.62 -0.34
CA ALA A 260 23.03 6.42 -0.01
C ALA A 260 22.64 7.89 0.17
N PHE A 261 23.24 8.52 1.18
CA PHE A 261 22.97 9.94 1.49
C PHE A 261 23.12 10.88 0.28
N ARG A 262 24.07 10.54 -0.61
CA ARG A 262 24.35 11.36 -1.80
C ARG A 262 23.20 11.43 -2.81
N TYR A 263 22.30 10.45 -2.77
CA TYR A 263 21.10 10.46 -3.62
C TYR A 263 19.98 11.32 -3.06
N LEU A 264 20.07 11.64 -1.77
CA LEU A 264 19.07 12.48 -1.11
C LEU A 264 19.31 13.96 -1.43
N SER A 265 20.58 14.31 -1.59
CA SER A 265 21.02 15.64 -1.97
C SER A 265 22.49 15.57 -2.38
N ARG A 266 22.85 16.33 -3.42
CA ARG A 266 24.24 16.37 -3.89
C ARG A 266 25.13 17.26 -3.01
N GLN A 267 24.51 18.20 -2.30
CA GLN A 267 25.22 19.12 -1.41
C GLN A 267 25.94 18.39 -0.27
N LYS A 268 27.03 18.99 0.21
CA LYS A 268 28.03 18.32 1.06
C LYS A 268 27.48 17.41 2.17
N ASP A 269 26.81 18.01 3.15
CA ASP A 269 26.27 17.27 4.29
C ASP A 269 24.74 17.37 4.40
N GLN A 270 24.11 17.89 3.34
CA GLN A 270 22.66 18.05 3.29
C GLN A 270 21.91 16.72 3.20
N GLY A 271 22.51 15.75 2.52
CA GLY A 271 21.94 14.40 2.39
C GLY A 271 21.77 13.70 3.74
N ARG A 272 22.79 13.80 4.59
CA ARG A 272 22.74 13.26 5.94
C ARG A 272 21.59 13.89 6.73
N GLU A 273 21.46 15.20 6.59
CA GLU A 273 20.43 16.00 7.28
C GLU A 273 19.01 15.56 6.89
N ILE A 274 18.79 15.38 5.60
CA ILE A 274 17.51 14.90 5.07
C ILE A 274 17.19 13.50 5.62
N ALA A 275 18.18 12.62 5.59
CA ALA A 275 18.05 11.26 6.13
C ALA A 275 17.66 11.23 7.60
N GLU A 276 18.29 12.10 8.38
CA GLU A 276 18.02 12.23 9.81
C GLU A 276 16.58 12.64 10.04
N LYS A 277 16.13 13.63 9.28
CA LYS A 277 14.78 14.16 9.41
C LYS A 277 13.71 13.14 9.00
N ILE A 278 13.98 12.37 7.95
CA ILE A 278 13.10 11.27 7.53
C ILE A 278 12.97 10.22 8.63
N ALA A 279 14.10 9.83 9.23
CA ALA A 279 14.10 8.89 10.35
C ALA A 279 13.33 9.42 11.55
N LEU A 280 13.48 10.71 11.85
CA LEU A 280 12.71 11.36 12.91
C LEU A 280 11.21 11.39 12.57
N ALA A 281 10.89 11.71 11.32
CA ALA A 281 9.52 11.64 10.82
C ALA A 281 8.92 10.25 11.02
N SER A 282 9.73 9.22 10.76
CA SER A 282 9.33 7.82 10.96
C SER A 282 9.08 7.53 12.44
N GLN A 283 9.98 8.02 13.30
CA GLN A 283 9.84 7.87 14.75
CA GLN A 283 9.85 7.88 14.75
C GLN A 283 8.58 8.59 15.26
N PHE A 284 8.28 9.75 14.67
CA PHE A 284 7.10 10.54 15.04
C PHE A 284 5.79 9.79 14.76
N ALA A 285 5.75 9.03 13.65
CA ALA A 285 4.57 8.24 13.32
C ALA A 285 4.37 7.01 14.21
N GLN A 286 5.45 6.58 14.88
CA GLN A 286 5.37 5.53 15.89
C GLN A 286 4.79 6.07 17.21
N ALA A 287 4.99 7.35 17.44
CA ALA A 287 4.66 7.98 18.72
C ALA A 287 3.26 8.60 18.76
N ASP A 288 2.82 9.17 17.64
CA ASP A 288 1.56 9.92 17.61
C ASP A 288 0.56 9.37 16.59
N PRO A 289 -0.57 8.81 17.07
CA PRO A 289 -1.63 8.30 16.19
C PRO A 289 -2.12 9.35 15.18
N TYR A 290 -2.09 10.62 15.56
CA TYR A 290 -2.44 11.72 14.65
C TYR A 290 -1.50 11.83 13.46
N ARG A 291 -0.23 11.49 13.68
CA ARG A 291 0.73 11.44 12.58
C ARG A 291 0.64 10.10 11.84
N ALA A 292 0.50 9.02 12.60
CA ALA A 292 0.42 7.67 12.05
C ALA A 292 -0.64 7.54 10.95
N ALA A 293 -1.84 8.08 11.21
CA ALA A 293 -2.95 8.03 10.27
C ALA A 293 -2.59 8.65 8.92
N THR A 294 -1.98 9.84 8.96
CA THR A 294 -1.52 10.58 7.80
C THR A 294 -0.35 9.87 7.09
N HIS A 295 0.58 9.35 7.88
CA HIS A 295 1.70 8.55 7.40
C HIS A 295 1.18 7.35 6.59
N ASN A 296 0.23 6.61 7.17
CA ASN A 296 -0.32 5.43 6.53
C ASN A 296 -1.26 5.74 5.36
N LYS A 297 -1.96 6.88 5.46
CA LYS A 297 -2.76 7.41 4.37
C LYS A 297 -1.90 7.64 3.11
N GLY A 298 -0.75 8.27 3.30
CA GLY A 298 0.15 8.56 2.19
C GLY A 298 0.63 7.29 1.50
N ILE A 299 0.87 6.24 2.29
CA ILE A 299 1.25 4.94 1.73
C ILE A 299 0.12 4.41 0.84
N PHE A 300 -1.12 4.55 1.32
CA PHE A 300 -2.27 4.05 0.56
C PHE A 300 -2.71 4.90 -0.62
N ASN A 301 -2.25 6.14 -0.71
CA ASN A 301 -2.38 6.90 -1.95
C ASN A 301 -1.82 6.08 -3.13
N GLY A 302 -0.66 5.45 -2.91
CA GLY A 302 -0.02 4.66 -3.95
C GLY A 302 -0.59 3.26 -4.05
N ILE A 303 -0.76 2.61 -2.90
CA ILE A 303 -1.23 1.22 -2.88
C ILE A 303 -2.61 1.07 -3.50
N ASP A 304 -3.55 1.93 -3.11
CA ASP A 304 -4.91 1.84 -3.67
C ASP A 304 -4.91 2.14 -5.16
N ALA A 305 -4.02 3.03 -5.60
CA ALA A 305 -3.91 3.39 -7.02
C ALA A 305 -3.55 2.18 -7.90
N ILE A 306 -2.54 1.41 -7.48
CA ILE A 306 -2.17 0.20 -8.21
C ILE A 306 -3.18 -0.94 -7.99
N LEU A 307 -3.84 -0.96 -6.83
CA LEU A 307 -4.88 -1.99 -6.58
C LEU A 307 -6.04 -1.83 -7.52
N ILE A 308 -6.48 -0.58 -7.72
CA ILE A 308 -7.54 -0.28 -8.68
C ILE A 308 -7.12 -0.66 -10.11
N ALA A 309 -5.90 -0.27 -10.49
CA ALA A 309 -5.38 -0.59 -11.84
C ALA A 309 -5.36 -2.09 -12.14
N THR A 310 -5.11 -2.89 -11.10
CA THR A 310 -4.97 -4.33 -11.25
C THR A 310 -6.23 -5.11 -10.84
N GLY A 311 -7.34 -4.39 -10.66
CA GLY A 311 -8.63 -5.01 -10.35
C GLY A 311 -8.72 -5.67 -8.99
N ASN A 312 -7.93 -5.18 -8.04
CA ASN A 312 -7.90 -5.75 -6.69
C ASN A 312 -8.74 -4.96 -5.70
N ASP A 313 -9.25 -5.68 -4.70
CA ASP A 313 -10.15 -5.13 -3.70
C ASP A 313 -9.36 -4.32 -2.68
N TRP A 314 -9.40 -2.99 -2.82
CA TRP A 314 -8.62 -2.12 -1.94
C TRP A 314 -9.19 -2.00 -0.51
N ARG A 315 -10.49 -2.20 -0.35
CA ARG A 315 -11.08 -2.15 1.00
C ARG A 315 -10.48 -3.26 1.87
N ALA A 316 -10.26 -4.44 1.27
CA ALA A 316 -9.70 -5.58 1.98
C ALA A 316 -8.25 -5.31 2.39
N ILE A 317 -7.50 -4.68 1.51
CA ILE A 317 -6.09 -4.40 1.77
C ILE A 317 -5.93 -3.27 2.79
N GLU A 318 -6.75 -2.23 2.65
CA GLU A 318 -6.82 -1.14 3.64
C GLU A 318 -7.10 -1.69 5.05
N ALA A 319 -8.16 -2.49 5.17
CA ALA A 319 -8.60 -3.00 6.49
C ALA A 319 -7.51 -3.84 7.16
N GLY A 320 -6.93 -4.78 6.42
CA GLY A 320 -5.88 -5.63 6.95
C GLY A 320 -4.65 -4.86 7.39
N ALA A 321 -4.24 -3.89 6.57
CA ALA A 321 -3.04 -3.10 6.87
C ALA A 321 -3.23 -2.17 8.04
N HIS A 322 -4.41 -1.54 8.12
CA HIS A 322 -4.68 -0.63 9.23
C HIS A 322 -4.85 -1.37 10.57
N ALA A 323 -5.43 -2.57 10.53
CA ALA A 323 -5.45 -3.46 11.69
C ALA A 323 -4.04 -3.88 12.11
N PHE A 324 -3.21 -4.25 11.12
CA PHE A 324 -1.80 -4.60 11.35
C PHE A 324 -1.03 -3.45 12.00
N ALA A 325 -1.34 -2.22 11.57
CA ALA A 325 -0.78 -1.01 12.17
C ALA A 325 -1.05 -0.86 13.68
N SER A 326 -2.09 -1.55 14.17
CA SER A 326 -2.51 -1.46 15.58
C SER A 326 -2.02 -2.63 16.43
N ARG A 327 -1.21 -3.53 15.87
CA ARG A 327 -0.97 -4.82 16.52
C ARG A 327 -0.28 -4.75 17.88
N ASP A 328 0.49 -3.68 18.14
CA ASP A 328 1.23 -3.57 19.40
C ASP A 328 0.50 -2.71 20.45
N GLY A 329 -0.82 -2.55 20.28
CA GLY A 329 -1.65 -1.83 21.25
C GLY A 329 -1.70 -0.34 21.06
N ARG A 330 -1.14 0.14 19.96
CA ARG A 330 -1.22 1.53 19.56
C ARG A 330 -1.27 1.61 18.03
N TYR A 331 -2.08 2.53 17.51
CA TYR A 331 -2.09 2.78 16.07
C TYR A 331 -0.83 3.51 15.64
N GLN A 332 -0.03 2.87 14.78
CA GLN A 332 1.32 3.33 14.45
C GLN A 332 1.62 3.30 12.94
N GLY A 333 2.63 4.06 12.52
CA GLY A 333 3.09 4.03 11.14
C GLY A 333 3.46 2.62 10.69
N LEU A 334 3.13 2.30 9.44
CA LEU A 334 3.34 0.97 8.89
C LEU A 334 4.76 0.72 8.37
N SER A 335 5.55 1.79 8.27
CA SER A 335 6.91 1.67 7.77
C SER A 335 7.93 2.23 8.76
N CYS A 336 9.19 1.87 8.55
CA CYS A 336 10.28 2.32 9.40
CA CYS A 336 10.28 2.28 9.41
C CYS A 336 11.44 2.83 8.58
N TRP A 337 11.94 4.02 8.95
CA TRP A 337 13.09 4.62 8.29
C TRP A 337 14.19 4.83 9.33
N THR A 338 15.33 4.18 9.09
CA THR A 338 16.46 4.25 10.03
C THR A 338 17.76 4.64 9.32
N LEU A 339 18.76 4.99 10.12
CA LEU A 339 20.06 5.39 9.59
C LEU A 339 21.11 4.32 9.80
N ASP A 340 21.88 4.07 8.74
CA ASP A 340 23.11 3.32 8.85
C ASP A 340 24.23 4.34 8.70
N LEU A 341 24.75 4.81 9.82
CA LEU A 341 25.72 5.91 9.85
C LEU A 341 27.08 5.51 9.29
N GLU A 342 27.43 4.24 9.50
CA GLU A 342 28.69 3.68 9.01
C GLU A 342 28.72 3.61 7.49
N ARG A 343 27.64 3.13 6.90
CA ARG A 343 27.55 3.01 5.44
C ARG A 343 26.99 4.28 4.79
N GLU A 344 26.55 5.22 5.62
CA GLU A 344 25.93 6.48 5.18
C GLU A 344 24.73 6.22 4.27
N GLU A 345 23.79 5.41 4.77
CA GLU A 345 22.60 5.04 4.01
C GLU A 345 21.34 5.21 4.84
N LEU A 346 20.28 5.65 4.18
CA LEU A 346 18.94 5.68 4.74
C LEU A 346 18.23 4.39 4.37
N VAL A 347 17.73 3.68 5.38
CA VAL A 347 17.08 2.37 5.19
C VAL A 347 15.57 2.47 5.46
N GLY A 348 14.79 2.04 4.48
CA GLY A 348 13.34 1.99 4.61
C GLY A 348 12.86 0.57 4.60
N GLU A 349 11.88 0.26 5.44
CA GLU A 349 11.32 -1.09 5.53
C GLU A 349 9.83 -1.05 5.87
N MET A 350 9.06 -1.95 5.27
CA MET A 350 7.63 -2.05 5.53
C MET A 350 7.10 -3.47 5.30
N THR A 351 6.41 -3.99 6.30
CA THR A 351 5.70 -5.26 6.21
C THR A 351 4.18 -5.00 6.16
N LEU A 352 3.51 -5.61 5.20
CA LEU A 352 2.05 -5.51 5.11
C LEU A 352 1.42 -6.85 4.76
N PRO A 353 0.17 -7.08 5.21
CA PRO A 353 -0.56 -8.22 4.66
C PRO A 353 -1.02 -7.83 3.26
N MET A 354 -0.67 -8.65 2.27
CA MET A 354 -0.96 -8.31 0.87
C MET A 354 -1.53 -9.50 0.08
N PRO A 355 -2.73 -9.96 0.45
CA PRO A 355 -3.35 -11.08 -0.23
C PRO A 355 -4.04 -10.67 -1.54
N VAL A 356 -3.26 -10.18 -2.49
CA VAL A 356 -3.82 -9.75 -3.78
C VAL A 356 -4.08 -10.94 -4.72
N ALA A 357 -4.79 -10.67 -5.80
CA ALA A 357 -5.17 -11.73 -6.75
C ALA A 357 -4.72 -11.40 -8.16
N THR A 358 -4.60 -12.44 -8.98
CA THR A 358 -4.39 -12.27 -10.42
C THR A 358 -5.53 -12.94 -11.20
N LYS A 359 -6.46 -13.54 -10.45
CA LYS A 359 -7.71 -14.10 -10.99
C LYS A 359 -8.89 -13.52 -10.19
N GLY A 360 -9.90 -13.01 -10.91
CA GLY A 360 -11.09 -12.38 -10.32
C GLY A 360 -11.94 -11.66 -11.36
N SER A 361 -13.21 -11.43 -11.04
CA SER A 361 -14.16 -10.83 -11.98
C SER A 361 -13.68 -9.54 -12.66
N SER A 362 -13.15 -8.60 -11.87
CA SER A 362 -12.63 -7.33 -12.41
C SER A 362 -11.45 -7.53 -13.35
N ILE A 363 -10.60 -8.50 -13.00
CA ILE A 363 -9.43 -8.85 -13.79
C ILE A 363 -9.87 -9.45 -15.11
N GLY A 364 -10.92 -10.28 -15.06
CA GLY A 364 -11.50 -10.85 -16.27
C GLY A 364 -12.31 -9.87 -17.11
N LEU A 365 -12.99 -8.91 -16.48
CA LEU A 365 -14.00 -8.11 -17.20
C LEU A 365 -13.62 -6.68 -17.59
N ASN A 366 -12.83 -6.00 -16.76
CA ASN A 366 -12.37 -4.64 -17.09
C ASN A 366 -11.17 -4.70 -18.05
N PRO A 367 -11.35 -4.21 -19.29
CA PRO A 367 -10.29 -4.32 -20.30
C PRO A 367 -8.99 -3.61 -19.90
N ARG A 368 -9.07 -2.58 -19.08
CA ARG A 368 -7.87 -1.86 -18.62
C ARG A 368 -7.17 -2.59 -17.47
N VAL A 369 -7.92 -3.38 -16.71
CA VAL A 369 -7.31 -4.21 -15.68
C VAL A 369 -6.46 -5.29 -16.36
N ALA A 370 -7.04 -5.96 -17.35
CA ALA A 370 -6.30 -6.95 -18.13
C ALA A 370 -5.03 -6.33 -18.73
N LEU A 371 -5.13 -5.10 -19.21
CA LEU A 371 -3.99 -4.35 -19.73
C LEU A 371 -2.93 -4.14 -18.66
N SER A 372 -3.34 -3.70 -17.47
CA SER A 372 -2.41 -3.46 -16.35
C SER A 372 -1.58 -4.69 -15.98
N HIS A 373 -2.22 -5.86 -15.98
CA HIS A 373 -1.53 -7.11 -15.71
C HIS A 373 -0.52 -7.46 -16.82
N ASP A 374 -0.90 -7.28 -18.09
CA ASP A 374 0.02 -7.49 -19.21
C ASP A 374 1.21 -6.53 -19.11
N LEU A 375 0.92 -5.27 -18.79
CA LEU A 375 1.93 -4.22 -18.66
C LEU A 375 3.02 -4.61 -17.66
N LEU A 376 2.60 -5.28 -16.60
CA LEU A 376 3.49 -5.69 -15.51
C LEU A 376 4.22 -7.00 -15.79
N GLY A 377 3.96 -7.59 -16.96
CA GLY A 377 4.58 -8.85 -17.37
C GLY A 377 3.82 -10.05 -16.82
N ASN A 378 2.54 -9.85 -16.51
CA ASN A 378 1.69 -10.89 -15.93
C ASN A 378 2.28 -11.57 -14.67
N PRO A 379 2.66 -10.76 -13.65
CA PRO A 379 3.23 -11.33 -12.42
C PRO A 379 2.27 -12.30 -11.73
N SER A 380 2.82 -13.24 -10.97
CA SER A 380 1.99 -14.05 -10.07
C SER A 380 1.47 -13.13 -8.97
N ALA A 381 0.51 -13.61 -8.18
CA ALA A 381 0.00 -12.79 -7.07
C ALA A 381 1.10 -12.42 -6.07
N ARG A 382 1.97 -13.37 -5.74
CA ARG A 382 3.13 -13.15 -4.89
C ARG A 382 4.05 -12.05 -5.41
N GLU A 383 4.31 -12.09 -6.72
CA GLU A 383 5.15 -11.09 -7.38
C GLU A 383 4.48 -9.72 -7.36
N LEU A 384 3.18 -9.70 -7.66
CA LEU A 384 2.39 -8.47 -7.62
C LEU A 384 2.42 -7.87 -6.20
N ALA A 385 2.24 -8.73 -5.19
CA ALA A 385 2.25 -8.30 -3.80
C ALA A 385 3.55 -7.59 -3.44
N GLN A 386 4.68 -8.13 -3.90
CA GLN A 386 6.00 -7.54 -3.65
C GLN A 386 6.16 -6.17 -4.32
N ILE A 387 5.61 -6.05 -5.52
CA ILE A 387 5.57 -4.78 -6.25
C ILE A 387 4.74 -3.73 -5.49
N ILE A 388 3.57 -4.14 -5.02
CA ILE A 388 2.66 -3.25 -4.31
C ILE A 388 3.24 -2.70 -3.00
N VAL A 389 3.83 -3.57 -2.19
CA VAL A 389 4.48 -3.12 -0.93
C VAL A 389 5.63 -2.16 -1.23
N SER A 390 6.38 -2.44 -2.30
CA SER A 390 7.46 -1.55 -2.75
C SER A 390 6.91 -0.19 -3.15
N ILE A 391 5.83 -0.20 -3.93
CA ILE A 391 5.09 1.01 -4.31
C ILE A 391 4.68 1.86 -3.09
N GLY A 392 4.13 1.19 -2.08
CA GLY A 392 3.76 1.88 -0.83
C GLY A 392 4.95 2.55 -0.17
N LEU A 393 6.08 1.84 -0.15
CA LEU A 393 7.30 2.36 0.49
C LEU A 393 7.89 3.53 -0.31
N ALA A 394 7.85 3.42 -1.64
CA ALA A 394 8.24 4.52 -2.52
C ALA A 394 7.37 5.76 -2.24
N GLN A 395 6.05 5.56 -2.21
CA GLN A 395 5.10 6.65 -1.94
C GLN A 395 5.39 7.29 -0.59
N ASN A 396 5.62 6.46 0.42
CA ASN A 396 6.01 6.92 1.75
C ASN A 396 7.27 7.78 1.71
N PHE A 397 8.30 7.29 1.01
CA PHE A 397 9.57 8.01 0.90
C PHE A 397 9.40 9.43 0.36
N ALA A 398 8.63 9.56 -0.72
CA ALA A 398 8.37 10.86 -1.35
C ALA A 398 7.63 11.81 -0.42
N ALA A 399 6.61 11.32 0.28
CA ALA A 399 5.86 12.11 1.25
C ALA A 399 6.73 12.62 2.38
N LEU A 400 7.55 11.74 2.95
CA LEU A 400 8.43 12.09 4.05
C LEU A 400 9.50 13.09 3.63
N LYS A 401 10.13 12.83 2.48
CA LYS A 401 11.17 13.72 1.97
C LYS A 401 10.64 15.15 1.74
N ALA A 402 9.48 15.25 1.10
CA ALA A 402 8.85 16.56 0.85
C ALA A 402 8.46 17.26 2.14
N LEU A 403 8.03 16.47 3.12
CA LEU A 403 7.56 16.98 4.41
C LEU A 403 8.66 17.61 5.24
N VAL A 404 9.88 17.09 5.13
CA VAL A 404 11.02 17.56 5.93
C VAL A 404 11.93 18.54 5.18
N SER A 405 11.57 18.88 3.94
CA SER A 405 12.32 19.86 3.13
C SER A 405 12.07 21.29 3.59
N THR A 406 13.07 22.15 3.40
CA THR A 406 12.95 23.57 3.80
C THR A 406 12.91 24.54 2.59
N GLY A 407 13.03 24.01 1.39
CA GLY A 407 12.86 24.79 0.16
C GLY A 407 11.41 24.68 -0.30
N ILE A 408 10.65 25.75 -0.10
CA ILE A 408 9.21 25.75 -0.39
C ILE A 408 8.82 26.92 -1.31
N GLN A 409 7.55 26.94 -1.73
CA GLN A 409 7.01 27.90 -2.71
C GLN A 409 7.13 29.36 -2.29
N GLN A 410 7.15 30.25 -3.28
CA GLN A 410 7.28 31.70 -3.07
C GLN A 410 6.17 32.28 -2.18
N GLY A 411 4.95 31.78 -2.37
CA GLY A 411 3.80 32.20 -1.56
C GLY A 411 4.01 31.99 -0.08
N HIS A 412 4.64 30.87 0.28
CA HIS A 412 4.95 30.54 1.67
C HIS A 412 6.21 31.23 2.20
N MET A 413 7.09 31.65 1.29
CA MET A 413 8.28 32.42 1.66
C MET A 413 7.89 33.82 2.15
N LYS A 414 7.04 34.49 1.37
CA LYS A 414 6.48 35.78 1.75
C LYS A 414 5.74 35.68 3.08
N LEU A 415 5.17 34.51 3.32
CA LEU A 415 4.40 34.24 4.52
C LEU A 415 5.29 34.02 5.75
N GLN A 416 6.34 33.21 5.58
CA GLN A 416 7.29 32.94 6.65
C GLN A 416 8.15 34.14 7.00
N ALA A 417 8.49 34.95 5.99
CA ALA A 417 9.22 36.19 6.18
C ALA A 417 8.39 37.22 6.95
N LYS A 418 7.07 37.18 6.75
CA LYS A 418 6.15 38.04 7.48
C LYS A 418 6.13 37.68 8.97
N SER A 419 6.15 36.37 9.25
CA SER A 419 6.17 35.88 10.63
C SER A 419 7.44 36.31 11.35
N LEU A 420 8.59 36.15 10.70
CA LEU A 420 9.87 36.57 11.25
C LEU A 420 9.98 38.09 11.41
N ALA A 421 9.37 38.83 10.47
CA ALA A 421 9.30 40.30 10.55
C ALA A 421 8.59 40.76 11.82
N LEU A 422 7.38 40.24 12.05
CA LEU A 422 6.59 40.55 13.24
C LEU A 422 7.28 40.07 14.51
N LEU A 423 7.95 38.93 14.41
CA LEU A 423 8.67 38.33 15.52
C LEU A 423 9.89 39.16 15.93
N ALA A 424 10.48 39.85 14.96
CA ALA A 424 11.63 40.73 15.20
C ALA A 424 11.23 42.01 15.94
N GLY A 425 9.95 42.38 15.82
CA GLY A 425 9.42 43.55 16.52
C GLY A 425 8.88 44.62 15.60
N ALA A 426 8.60 44.26 14.35
CA ALA A 426 8.11 45.19 13.34
C ALA A 426 6.68 45.65 13.61
N SER A 427 6.40 46.91 13.31
CA SER A 427 5.05 47.46 13.36
C SER A 427 4.37 47.29 11.99
N GLU A 428 3.10 47.70 11.90
CA GLU A 428 2.29 47.59 10.69
C GLU A 428 3.02 48.05 9.41
N SER A 429 3.56 49.28 9.45
CA SER A 429 4.21 49.89 8.28
C SER A 429 5.56 49.27 7.93
N GLU A 430 6.18 48.59 8.90
CA GLU A 430 7.51 48.02 8.73
C GLU A 430 7.53 46.63 8.10
N VAL A 431 6.36 45.98 8.03
CA VAL A 431 6.25 44.60 7.53
C VAL A 431 6.66 44.46 6.06
N ALA A 432 6.01 45.23 5.19
CA ALA A 432 6.20 45.13 3.73
C ALA A 432 7.64 45.36 3.23
N PRO A 433 8.33 46.41 3.74
CA PRO A 433 9.74 46.60 3.34
C PRO A 433 10.66 45.49 3.84
N LEU A 434 10.38 44.98 5.04
CA LEU A 434 11.19 43.93 5.65
C LEU A 434 11.08 42.61 4.90
N VAL A 435 9.87 42.29 4.42
CA VAL A 435 9.63 41.08 3.63
C VAL A 435 10.36 41.13 2.28
N GLU A 436 10.26 42.26 1.59
CA GLU A 436 10.93 42.46 0.29
C GLU A 436 12.43 42.12 0.31
N ARG A 437 13.10 42.53 1.40
CA ARG A 437 14.53 42.30 1.56
C ARG A 437 14.84 40.86 1.97
N LEU A 438 13.97 40.29 2.81
CA LEU A 438 14.13 38.91 3.27
C LEU A 438 13.96 37.89 2.15
N ILE A 439 13.00 38.13 1.25
CA ILE A 439 12.77 37.24 0.10
C ILE A 439 13.84 37.37 -0.99
N SER A 440 14.52 38.53 -1.02
CA SER A 440 15.66 38.76 -1.92
C SER A 440 16.84 37.87 -1.57
N ASP A 441 16.95 37.50 -0.30
CA ASP A 441 17.96 36.56 0.18
C ASP A 441 17.64 35.13 -0.21
N LYS A 442 18.67 34.30 -0.29
CA LYS A 442 18.51 32.87 -0.58
C LYS A 442 17.93 32.14 0.63
N THR A 443 18.52 32.37 1.80
CA THR A 443 18.05 31.81 3.06
C THR A 443 17.98 32.88 4.15
N PHE A 444 17.08 32.68 5.12
CA PHE A 444 16.88 33.67 6.20
C PHE A 444 16.22 33.09 7.47
N ASN A 445 16.65 33.62 8.61
CA ASN A 445 16.07 33.27 9.91
C ASN A 445 15.70 34.54 10.70
N LEU A 446 15.43 34.39 12.00
CA LEU A 446 15.04 35.52 12.85
C LEU A 446 16.13 36.59 12.97
N GLU A 447 17.38 36.14 13.15
CA GLU A 447 18.53 37.05 13.26
C GLU A 447 18.70 37.94 12.03
N THR A 448 18.32 37.41 10.86
CA THR A 448 18.36 38.16 9.60
C THR A 448 17.29 39.24 9.58
N ALA A 449 16.09 38.90 10.05
CA ALA A 449 14.97 39.85 10.13
C ALA A 449 15.20 40.94 11.17
N GLN A 450 15.88 40.58 12.26
CA GLN A 450 16.29 41.53 13.29
C GLN A 450 17.34 42.49 12.76
N ARG A 451 18.30 41.94 12.01
CA ARG A 451 19.35 42.73 11.36
C ARG A 451 18.78 43.73 10.36
N TYR A 452 17.80 43.31 9.57
CA TYR A 452 17.17 44.18 8.58
C TYR A 452 16.24 45.22 9.19
N LEU A 453 15.63 44.88 10.33
CA LEU A 453 14.80 45.83 11.06
C LEU A 453 15.65 46.88 11.78
N GLU A 454 16.86 46.47 12.17
CA GLU A 454 17.84 47.37 12.78
C GLU A 454 18.27 48.45 11.80
N ASN A 455 18.60 48.02 10.57
CA ASN A 455 19.04 48.93 9.51
C ASN A 455 17.94 49.89 9.07
N LEU A 456 16.71 49.38 8.98
CA LEU A 456 15.55 50.20 8.62
C LEU A 456 15.22 51.28 9.65
N ARG A 457 15.50 50.99 10.92
CA ARG A 457 15.13 51.90 12.01
C ARG A 457 16.30 52.75 12.52
C1 GOL B . -5.71 -20.14 -9.05
O1 GOL B . -4.71 -20.12 -10.05
C2 GOL B . -6.99 -19.49 -9.54
O2 GOL B . -8.05 -19.89 -8.70
C3 GOL B . -7.30 -19.90 -10.98
O3 GOL B . -8.50 -19.29 -11.39
C1 GOL C . -12.41 -9.93 -0.14
O1 GOL C . -12.91 -9.68 -1.44
C2 GOL C . -13.50 -10.41 0.82
O2 GOL C . -14.76 -10.47 0.18
C3 GOL C . -13.56 -9.45 2.01
O3 GOL C . -14.75 -9.60 2.76
S SO4 D . -12.66 -14.95 -4.83
O1 SO4 D . -13.84 -15.79 -4.61
O2 SO4 D . -12.86 -14.12 -6.01
O3 SO4 D . -12.45 -14.09 -3.67
O4 SO4 D . -11.50 -15.81 -5.05
NA NA E . 5.82 10.25 9.48
NA NA F . 16.11 -4.34 -6.75
NA NA G . 2.57 -14.22 6.84
NA NA H . -4.09 -14.56 5.64
NA NA I . -1.48 12.24 -9.18
NA NA J . -10.26 1.97 -19.18
NA NA K . -4.08 -6.14 3.98
NA NA L . -12.43 10.19 -5.06
NA NA M . -3.33 -17.93 -1.00
NA NA N . -11.87 0.85 -17.72
NA NA O . -12.63 -2.91 -12.32
NA NA P . 3.39 8.51 3.85
NA NA Q . -13.67 10.58 -7.35
NA NA R . 3.73 10.55 -1.66
NA NA S . -6.90 -13.76 5.29
NA NA T . -0.97 -11.05 -13.55
NA NA U . 1.59 -12.80 0.43
NA NA V . -5.66 4.92 3.89
NA NA W . -8.17 -0.64 -22.23
NA NA X . 17.00 -3.07 0.75
NA NA Y . 6.75 4.82 11.29
NA NA Z . -3.71 8.36 -12.08
NA NA AA . 12.59 1.83 -8.03
NA NA BA . -26.90 -4.08 -12.74
NA NA CA . -7.18 -3.90 -22.95
NA NA DA . -2.23 12.99 0.67
NA NA EA . 6.51 -3.63 -16.62
NA NA FA . -6.08 -8.09 3.90
NA NA GA . 0.37 -12.39 -1.71
NA NA HA . -1.05 -15.78 11.05
#